data_1P5W
#
_entry.id   1P5W
#
_cell.length_a   372.417
_cell.length_b   373.017
_cell.length_c   377.083
_cell.angle_alpha   90.00
_cell.angle_beta   90.00
_cell.angle_gamma   90.00
#
_symmetry.space_group_name_H-M   'P 21 21 21'
#
loop_
_entity.id
_entity.type
_entity.pdbx_description
1 polymer "5'-D(P*(3DR)P*TP*AP*CP*CP*TP*CP*TP*TP*GP*C)-3'"
2 polymer 'Coat protein VP2'
3 non-polymer 'MAGNESIUM ION'
4 water water
#
loop_
_entity_poly.entity_id
_entity_poly.type
_entity_poly.pdbx_seq_one_letter_code
_entity_poly.pdbx_strand_id
1 'polydeoxyribonucleotide' (3DR)(DT)(DA)(DC)(DC)(DT)(DC)(DT)(DT)(DG)(DC) B
2 'polypeptide(L)'
;GVGISTGTFNNQTEFKFLENGWVEITANSSRLVHLNMPESENYRRVVVNNMDKTAVRGNMALDDIHAQIVTPWSLVDANA
WGVWFNPGDWQLIVNTMSELHLVSFEQEIFNVVLKTVSESATQPPTKVYNNDLTASLMVALDSNNTMPFTPAAMRSETLG
FYPWKPTIPTPWRYYFQWDRTLIPSHTGTSGTPTNIYHGTDPDDVQFYTIENSVPVHLLRTGDEFATGTFFFDCKPCRLT
HTWQTNRALGLPPFLNSLPQSEGATNFGDIGVQQDKRRGVTQMGNTNYITEATIMRPAEVGYSAPYYSFEASTQGPFKTP
IAAGRGGAQTDENQAADGNPRYAFGRQHGQKTTTTGETPERFTYIAHQDTGRYPEGDWIQNINFNLPVTNDNVLLPTDPI
GGKTGINYTNIFNTYGPLTALNNVPPVYPNGQIWDKEFDTDLKPRLHVNAPFVCQNNCPGQLFVKVAPNLTNEYDPDASA
NMSRIVTYSDFWWKGKLVFKAKLRASHTWNPIQQMSINVDNQFNYVPSNIGGMKIVYEKSQLAPRKLY
;
A
#
# COMPACT_ATOMS: atom_id res chain seq x y z
N GLY B 1 31.29 -3.82 25.18
CA GLY B 1 31.56 -3.21 26.48
C GLY B 1 30.33 -2.48 27.00
N VAL B 2 30.18 -2.46 28.33
CA VAL B 2 29.05 -1.80 29.00
C VAL B 2 28.97 -0.27 28.76
N GLY B 3 30.08 0.43 29.01
CA GLY B 3 30.10 1.87 28.81
C GLY B 3 30.64 2.33 27.46
N ILE B 4 30.44 1.51 26.44
CA ILE B 4 30.90 1.82 25.08
C ILE B 4 29.74 1.78 24.08
N SER B 5 29.78 2.67 23.11
CA SER B 5 28.75 2.73 22.07
C SER B 5 29.13 1.79 20.93
N THR B 6 28.12 1.05 20.46
CA THR B 6 28.30 0.07 19.39
C THR B 6 27.89 0.52 17.98
N GLY B 7 27.57 1.80 17.82
CA GLY B 7 27.16 2.27 16.50
C GLY B 7 27.10 3.75 16.20
N THR B 8 26.58 4.06 15.01
CA THR B 8 26.44 5.42 14.52
C THR B 8 25.01 5.69 14.11
N PHE B 9 24.56 6.91 14.37
CA PHE B 9 23.21 7.32 14.02
C PHE B 9 23.31 8.06 12.71
N ASN B 10 22.85 7.44 11.62
CA ASN B 10 22.93 8.08 10.31
C ASN B 10 21.63 8.10 9.54
N ASN B 11 21.10 9.29 9.28
CA ASN B 11 19.85 9.43 8.53
C ASN B 11 20.08 10.27 7.29
N GLN B 12 21.28 10.14 6.75
CA GLN B 12 21.70 10.88 5.57
C GLN B 12 21.32 10.08 4.33
N THR B 13 20.85 10.77 3.29
CA THR B 13 20.49 10.09 2.05
C THR B 13 21.48 10.52 0.98
N GLU B 14 22.27 9.56 0.52
CA GLU B 14 23.30 9.81 -0.47
C GLU B 14 22.83 9.58 -1.90
N PHE B 15 23.23 10.46 -2.81
CA PHE B 15 22.90 10.32 -4.23
C PHE B 15 24.22 10.22 -4.98
N LYS B 16 24.59 9.01 -5.40
CA LYS B 16 25.84 8.79 -6.12
C LYS B 16 25.54 8.65 -7.60
N PHE B 17 25.94 9.67 -8.37
CA PHE B 17 25.72 9.69 -9.80
C PHE B 17 26.80 8.92 -10.56
N LEU B 18 26.38 8.01 -11.43
CA LEU B 18 27.32 7.19 -12.19
C LEU B 18 27.28 7.51 -13.69
N GLU B 19 28.19 6.91 -14.45
CA GLU B 19 28.23 7.14 -15.89
C GLU B 19 26.93 6.69 -16.51
N ASN B 20 26.54 7.36 -17.59
CA ASN B 20 25.32 7.03 -18.32
C ASN B 20 24.00 7.32 -17.66
N GLY B 21 23.99 8.30 -16.76
CA GLY B 21 22.75 8.68 -16.11
C GLY B 21 22.14 7.72 -15.13
N TRP B 22 22.97 6.92 -14.48
CA TRP B 22 22.44 6.01 -13.49
C TRP B 22 22.80 6.61 -12.15
N VAL B 23 21.96 6.39 -11.17
CA VAL B 23 22.22 6.94 -9.85
C VAL B 23 22.02 5.86 -8.81
N GLU B 24 22.92 5.79 -7.85
CA GLU B 24 22.79 4.81 -6.79
C GLU B 24 22.31 5.58 -5.56
N ILE B 25 21.02 5.49 -5.28
CA ILE B 25 20.42 6.17 -4.14
C ILE B 25 20.55 5.32 -2.89
N THR B 26 21.26 5.83 -1.91
CA THR B 26 21.47 5.11 -0.66
C THR B 26 20.74 5.81 0.47
N ALA B 27 19.60 5.28 0.88
CA ALA B 27 18.85 5.89 1.94
C ALA B 27 19.23 5.27 3.27
N ASN B 28 19.77 6.10 4.15
CA ASN B 28 20.17 5.66 5.48
C ASN B 28 19.12 6.14 6.46
N SER B 29 18.74 5.30 7.42
CA SER B 29 17.75 5.67 8.39
C SER B 29 18.03 5.10 9.77
N SER B 30 17.90 5.93 10.79
CA SER B 30 18.14 5.49 12.15
C SER B 30 17.03 6.03 13.02
N ARG B 31 16.68 5.27 14.04
CA ARG B 31 15.62 5.68 14.93
C ARG B 31 15.92 5.15 16.31
N LEU B 32 15.41 5.83 17.33
CA LEU B 32 15.56 5.36 18.69
C LEU B 32 14.25 4.60 18.91
N VAL B 33 14.34 3.30 19.16
CA VAL B 33 13.15 2.50 19.36
C VAL B 33 12.88 2.22 20.83
N HIS B 34 11.62 2.38 21.22
CA HIS B 34 11.21 2.16 22.59
C HIS B 34 10.40 0.87 22.68
N LEU B 35 10.74 0.00 23.62
CA LEU B 35 10.03 -1.27 23.74
C LEU B 35 9.66 -1.68 25.16
N ASN B 36 8.38 -1.98 25.38
CA ASN B 36 7.88 -2.40 26.69
C ASN B 36 7.78 -3.92 26.76
N MET B 37 7.78 -4.48 27.97
CA MET B 37 7.66 -5.94 28.08
C MET B 37 6.25 -6.33 27.67
N PRO B 38 6.10 -7.55 27.14
CA PRO B 38 4.78 -8.00 26.71
C PRO B 38 3.71 -8.07 27.78
N GLU B 39 2.47 -7.87 27.33
CA GLU B 39 1.30 -7.98 28.19
C GLU B 39 1.37 -9.23 29.06
N SER B 40 1.60 -10.32 28.34
CA SER B 40 1.71 -11.65 28.88
C SER B 40 2.84 -12.34 28.14
N GLU B 41 3.49 -13.29 28.78
CA GLU B 41 4.59 -14.01 28.16
C GLU B 41 4.10 -15.12 27.24
N ASN B 42 2.79 -15.35 27.20
CA ASN B 42 2.21 -16.44 26.38
C ASN B 42 1.66 -16.09 25.01
N TYR B 43 1.41 -17.15 24.24
CA TYR B 43 0.82 -17.00 22.92
C TYR B 43 -0.66 -17.25 23.12
N ARG B 44 -1.51 -16.44 22.51
CA ARG B 44 -2.95 -16.63 22.66
C ARG B 44 -3.60 -16.76 21.29
N ARG B 45 -4.61 -17.62 21.21
CA ARG B 45 -5.37 -17.75 19.97
C ARG B 45 -6.67 -17.04 20.32
N VAL B 46 -6.89 -15.88 19.72
CA VAL B 46 -8.07 -15.09 19.99
C VAL B 46 -9.00 -14.93 18.81
N VAL B 47 -10.31 -14.94 19.08
CA VAL B 47 -11.29 -14.75 18.02
C VAL B 47 -11.93 -13.38 18.21
N VAL B 48 -12.16 -12.67 17.12
CA VAL B 48 -12.80 -11.36 17.20
C VAL B 48 -14.16 -11.51 16.59
N ASN B 49 -15.18 -11.03 17.30
CA ASN B 49 -16.54 -11.17 16.80
C ASN B 49 -17.39 -9.92 16.94
N ASN B 50 -17.61 -9.21 15.85
CA ASN B 50 -18.43 -8.00 15.88
C ASN B 50 -19.78 -8.35 15.25
N MET B 51 -20.39 -9.41 15.76
CA MET B 51 -21.69 -9.90 15.30
C MET B 51 -22.72 -8.78 15.34
N ASP B 52 -22.87 -8.18 16.52
CA ASP B 52 -23.85 -7.11 16.73
C ASP B 52 -23.82 -5.97 15.69
N LYS B 53 -22.76 -5.88 14.92
CA LYS B 53 -22.66 -4.83 13.91
C LYS B 53 -23.07 -5.36 12.54
N THR B 54 -22.66 -6.59 12.23
CA THR B 54 -22.99 -7.20 10.95
C THR B 54 -24.36 -7.84 11.02
N ALA B 55 -25.03 -7.66 12.16
CA ALA B 55 -26.36 -8.21 12.33
C ALA B 55 -27.39 -7.12 12.03
N VAL B 56 -26.96 -6.04 11.40
CA VAL B 56 -27.87 -4.91 11.16
C VAL B 56 -28.43 -4.83 9.78
N ARG B 57 -28.49 -6.05 9.10
CA ARG B 57 -28.81 -6.29 7.71
C ARG B 57 -28.69 -5.04 6.89
N GLY B 58 -27.42 -4.76 6.74
CA GLY B 58 -27.19 -3.89 5.58
C GLY B 58 -25.80 -3.41 5.76
N ASN B 59 -25.23 -4.20 6.63
CA ASN B 59 -23.95 -3.85 7.17
C ASN B 59 -22.84 -4.85 6.95
N MET B 60 -23.08 -5.80 6.04
CA MET B 60 -22.09 -6.83 5.75
C MET B 60 -20.68 -6.31 5.57
N ALA B 61 -20.53 -5.22 4.84
CA ALA B 61 -19.21 -4.66 4.60
C ALA B 61 -18.45 -4.33 5.88
N LEU B 62 -19.15 -4.22 7.00
CA LEU B 62 -18.46 -3.89 8.24
C LEU B 62 -18.02 -5.09 9.05
N ASP B 63 -17.94 -6.24 8.42
CA ASP B 63 -17.54 -7.46 9.12
C ASP B 63 -16.09 -7.45 9.60
N ASP B 64 -15.86 -7.88 10.83
CA ASP B 64 -14.50 -7.94 11.39
C ASP B 64 -14.16 -9.30 11.96
N ILE B 65 -15.09 -10.25 11.87
CA ILE B 65 -14.85 -11.57 12.42
C ILE B 65 -13.61 -12.22 11.82
N HIS B 66 -12.69 -12.62 12.70
CA HIS B 66 -11.46 -13.30 12.29
C HIS B 66 -10.79 -13.87 13.52
N ALA B 67 -9.84 -14.78 13.30
CA ALA B 67 -9.10 -15.37 14.42
C ALA B 67 -7.65 -14.99 14.27
N GLN B 68 -6.91 -14.89 15.37
CA GLN B 68 -5.51 -14.53 15.27
C GLN B 68 -4.69 -15.05 16.43
N ILE B 69 -3.43 -15.35 16.17
CA ILE B 69 -2.53 -15.81 17.22
C ILE B 69 -1.86 -14.53 17.70
N VAL B 70 -1.96 -14.27 19.00
CA VAL B 70 -1.37 -13.08 19.58
C VAL B 70 -0.07 -13.49 20.22
N THR B 71 1.05 -13.01 19.67
CA THR B 71 2.36 -13.38 20.21
C THR B 71 2.91 -12.34 21.16
N PRO B 72 3.86 -12.75 22.01
CA PRO B 72 4.45 -11.81 22.96
C PRO B 72 5.58 -11.04 22.28
N TRP B 73 5.76 -11.28 20.99
CA TRP B 73 6.83 -10.62 20.27
C TRP B 73 6.38 -9.35 19.55
N SER B 74 7.32 -8.41 19.39
CA SER B 74 7.02 -7.19 18.66
C SER B 74 7.74 -7.22 17.32
N LEU B 75 7.16 -6.55 16.34
CA LEU B 75 7.70 -6.51 15.00
C LEU B 75 8.29 -5.17 14.61
N VAL B 76 9.55 -5.17 14.16
CA VAL B 76 10.20 -3.94 13.73
C VAL B 76 10.11 -3.89 12.20
N ASP B 77 9.13 -3.14 11.69
CA ASP B 77 8.91 -3.04 10.24
C ASP B 77 9.27 -1.66 9.73
N ALA B 78 10.09 -1.60 8.68
CA ALA B 78 10.49 -0.30 8.10
C ALA B 78 10.13 -0.22 6.62
N ASN B 79 9.18 -1.05 6.21
CA ASN B 79 8.73 -1.09 4.83
C ASN B 79 7.71 0.00 4.54
N ALA B 80 8.19 1.21 4.30
CA ALA B 80 7.32 2.34 3.99
C ALA B 80 8.19 3.52 3.58
N TRP B 81 7.88 4.13 2.44
CA TRP B 81 8.68 5.23 1.95
C TRP B 81 9.01 6.28 2.99
N GLY B 82 8.04 6.64 3.81
CA GLY B 82 8.26 7.65 4.82
C GLY B 82 9.42 7.38 5.77
N VAL B 83 9.84 6.13 5.86
CA VAL B 83 10.94 5.78 6.75
C VAL B 83 12.30 6.12 6.16
N TRP B 84 12.36 6.17 4.83
CA TRP B 84 13.62 6.40 4.16
C TRP B 84 13.87 7.71 3.47
N PHE B 85 12.81 8.39 3.04
CA PHE B 85 13.02 9.65 2.35
C PHE B 85 12.24 10.80 2.94
N ASN B 86 12.84 11.99 2.96
CA ASN B 86 12.10 13.13 3.45
C ASN B 86 11.55 13.81 2.20
N PRO B 87 10.68 14.80 2.36
CA PRO B 87 10.11 15.47 1.20
C PRO B 87 11.13 15.96 0.19
N GLY B 88 12.18 16.60 0.68
CA GLY B 88 13.21 17.10 -0.20
C GLY B 88 13.80 16.04 -1.11
N ASP B 89 14.22 14.92 -0.51
CA ASP B 89 14.82 13.85 -1.29
C ASP B 89 13.78 13.30 -2.24
N TRP B 90 12.57 13.07 -1.73
CA TRP B 90 11.53 12.52 -2.59
C TRP B 90 11.34 13.40 -3.80
N GLN B 91 11.38 14.71 -3.60
CA GLN B 91 11.20 15.62 -4.73
C GLN B 91 12.24 15.36 -5.80
N LEU B 92 13.51 15.30 -5.39
CA LEU B 92 14.60 15.05 -6.32
C LEU B 92 14.38 13.78 -7.13
N ILE B 93 14.08 12.69 -6.45
CA ILE B 93 13.86 11.41 -7.11
C ILE B 93 12.74 11.52 -8.14
N VAL B 94 11.58 11.96 -7.68
CA VAL B 94 10.39 12.09 -8.49
C VAL B 94 10.46 13.07 -9.67
N ASN B 95 11.22 14.15 -9.53
CA ASN B 95 11.33 15.13 -10.60
C ASN B 95 12.37 14.85 -11.65
N THR B 96 13.43 14.14 -11.27
CA THR B 96 14.52 13.89 -12.21
C THR B 96 14.80 12.44 -12.62
N MET B 97 14.21 11.48 -11.91
CA MET B 97 14.43 10.08 -12.25
C MET B 97 13.34 9.58 -13.22
N SER B 98 13.64 8.55 -13.99
CA SER B 98 12.66 8.03 -14.93
C SER B 98 12.16 6.66 -14.47
N GLU B 99 13.05 5.89 -13.85
CA GLU B 99 12.70 4.58 -13.33
C GLU B 99 13.50 4.37 -12.07
N LEU B 100 12.97 3.55 -11.17
CA LEU B 100 13.60 3.29 -9.88
C LEU B 100 13.75 1.79 -9.67
N HIS B 101 14.94 1.34 -9.29
CA HIS B 101 15.18 -0.10 -9.04
C HIS B 101 15.51 -0.32 -7.57
N LEU B 102 14.86 -1.31 -6.96
CA LEU B 102 15.11 -1.63 -5.56
C LEU B 102 16.30 -2.60 -5.55
N VAL B 103 17.41 -2.19 -4.94
CA VAL B 103 18.61 -3.02 -4.93
C VAL B 103 18.89 -3.88 -3.69
N SER B 104 19.05 -3.26 -2.54
CA SER B 104 19.36 -4.01 -1.34
C SER B 104 18.86 -3.35 -0.06
N PHE B 105 18.89 -4.11 1.03
CA PHE B 105 18.42 -3.62 2.32
C PHE B 105 19.14 -4.33 3.44
N GLU B 106 19.72 -3.57 4.36
CA GLU B 106 20.40 -4.15 5.52
C GLU B 106 20.02 -3.33 6.74
N GLN B 107 20.03 -3.96 7.91
CA GLN B 107 19.66 -3.24 9.12
C GLN B 107 20.36 -3.82 10.35
N GLU B 108 20.49 -3.01 11.40
CA GLU B 108 21.12 -3.44 12.62
C GLU B 108 20.52 -2.78 13.84
N ILE B 109 20.70 -3.42 15.00
CA ILE B 109 20.20 -2.92 16.26
C ILE B 109 21.43 -2.69 17.14
N PHE B 110 21.59 -1.48 17.65
CA PHE B 110 22.75 -1.20 18.47
C PHE B 110 22.45 -0.29 19.64
N ASN B 111 23.43 -0.15 20.53
CA ASN B 111 23.28 0.68 21.72
C ASN B 111 22.06 0.27 22.52
N VAL B 112 21.91 -1.03 22.73
CA VAL B 112 20.80 -1.56 23.48
C VAL B 112 20.84 -1.11 24.94
N VAL B 113 19.67 -0.85 25.50
CA VAL B 113 19.56 -0.43 26.89
C VAL B 113 18.32 -1.01 27.52
N LEU B 114 18.48 -1.59 28.70
CA LEU B 114 17.34 -2.14 29.41
C LEU B 114 17.24 -1.47 30.76
N LYS B 115 16.04 -1.00 31.08
CA LYS B 115 15.79 -0.31 32.33
C LYS B 115 14.63 -0.98 33.05
N THR B 116 14.57 -0.76 34.36
CA THR B 116 13.50 -1.30 35.17
C THR B 116 12.90 -0.15 35.94
N VAL B 117 11.61 -0.26 36.25
CA VAL B 117 10.89 0.77 36.97
C VAL B 117 10.62 0.32 38.39
N SER B 118 10.71 1.25 39.35
CA SER B 118 10.44 0.91 40.75
C SER B 118 9.70 2.07 41.42
N GLU B 119 8.60 1.76 42.09
CA GLU B 119 7.79 2.78 42.77
C GLU B 119 7.64 2.54 44.27
N PRO B 124 3.52 7.92 48.10
CA PRO B 124 3.57 8.88 46.99
C PRO B 124 3.94 8.24 45.64
N PRO B 125 3.07 8.41 44.61
CA PRO B 125 3.30 7.84 43.27
C PRO B 125 4.51 8.44 42.49
N THR B 126 5.73 8.06 42.91
CA THR B 126 6.96 8.54 42.26
C THR B 126 7.80 7.37 41.74
N LYS B 127 7.93 7.30 40.42
CA LYS B 127 8.70 6.25 39.77
C LYS B 127 10.19 6.56 39.74
N VAL B 128 10.99 5.51 39.63
CA VAL B 128 12.44 5.62 39.55
C VAL B 128 12.87 4.61 38.51
N TYR B 129 13.75 5.03 37.60
CA TYR B 129 14.20 4.16 36.53
C TYR B 129 15.68 3.79 36.67
N ASN B 130 15.99 2.50 36.62
CA ASN B 130 17.37 2.04 36.74
C ASN B 130 17.77 1.15 35.56
N ASN B 131 19.08 0.98 35.38
CA ASN B 131 19.57 0.15 34.30
C ASN B 131 19.81 -1.26 34.82
N ASP B 132 19.29 -2.27 34.11
CA ASP B 132 19.50 -3.65 34.52
C ASP B 132 20.50 -4.16 33.49
N LEU B 133 21.78 -4.00 33.79
CA LEU B 133 22.85 -4.42 32.89
C LEU B 133 22.74 -5.86 32.41
N THR B 134 22.24 -6.73 33.26
CA THR B 134 22.13 -8.14 32.93
C THR B 134 20.86 -8.55 32.18
N ALA B 135 19.85 -7.69 32.18
CA ALA B 135 18.60 -7.99 31.50
C ALA B 135 18.88 -8.05 30.01
N SER B 136 18.12 -8.88 29.30
CA SER B 136 18.36 -9.03 27.87
C SER B 136 17.21 -8.63 26.97
N LEU B 137 17.56 -8.23 25.76
CA LEU B 137 16.61 -7.86 24.74
C LEU B 137 16.69 -9.01 23.73
N MET B 138 15.59 -9.72 23.53
CA MET B 138 15.62 -10.84 22.59
C MET B 138 15.35 -10.38 21.16
N VAL B 139 16.22 -10.82 20.25
CA VAL B 139 16.08 -10.46 18.85
C VAL B 139 16.04 -11.72 18.02
N ALA B 140 15.06 -11.81 17.13
CA ALA B 140 14.91 -12.96 16.27
C ALA B 140 14.70 -12.49 14.84
N LEU B 141 15.51 -13.01 13.93
CA LEU B 141 15.40 -12.62 12.54
C LEU B 141 14.96 -13.83 11.73
N ASP B 142 13.70 -13.85 11.34
CA ASP B 142 13.13 -14.95 10.56
C ASP B 142 13.57 -14.91 9.11
N SER B 143 14.87 -15.15 8.89
CA SER B 143 15.45 -15.10 7.56
C SER B 143 14.88 -16.10 6.57
N ASN B 144 14.52 -17.27 7.08
CA ASN B 144 13.95 -18.31 6.24
C ASN B 144 12.53 -17.97 5.83
N ASN B 145 11.92 -17.05 6.55
CA ASN B 145 10.56 -16.65 6.27
C ASN B 145 9.57 -17.75 6.56
N THR B 146 9.63 -18.27 7.78
CA THR B 146 8.74 -19.31 8.21
C THR B 146 7.47 -18.66 8.74
N MET B 147 7.64 -17.59 9.51
CA MET B 147 6.50 -16.86 10.08
C MET B 147 5.70 -16.26 8.95
N PRO B 148 4.37 -16.18 9.12
CA PRO B 148 3.60 -15.59 8.03
C PRO B 148 3.97 -14.12 7.87
N PHE B 149 3.95 -13.66 6.62
CA PHE B 149 4.31 -12.28 6.29
C PHE B 149 3.24 -11.29 6.75
N THR B 150 3.64 -10.31 7.55
CA THR B 150 2.69 -9.31 8.05
C THR B 150 3.20 -7.87 7.94
N PRO B 151 3.28 -7.34 6.71
CA PRO B 151 3.75 -5.96 6.46
C PRO B 151 2.96 -4.94 7.27
N ALA B 152 3.63 -4.20 8.14
CA ALA B 152 2.96 -3.23 8.99
C ALA B 152 2.37 -2.02 8.30
N ALA B 153 2.88 -1.68 7.12
CA ALA B 153 2.37 -0.51 6.41
C ALA B 153 0.88 -0.53 6.16
N MET B 154 0.32 -1.73 5.98
CA MET B 154 -1.10 -1.92 5.71
C MET B 154 -1.97 -1.39 6.84
N ARG B 155 -1.40 -1.25 8.03
CA ARG B 155 -2.16 -0.73 9.16
C ARG B 155 -1.45 0.46 9.76
N SER B 156 -0.61 1.09 8.96
CA SER B 156 0.17 2.25 9.38
C SER B 156 0.86 1.99 10.72
N GLU B 157 1.62 0.91 10.78
CA GLU B 157 2.31 0.52 12.00
C GLU B 157 3.80 0.27 11.77
N THR B 158 4.40 1.05 10.88
CA THR B 158 5.83 0.92 10.60
C THR B 158 6.57 1.82 11.56
N LEU B 159 7.83 2.08 11.28
CA LEU B 159 8.61 2.96 12.15
C LEU B 159 8.26 4.41 11.82
N GLY B 160 8.66 5.32 12.69
CA GLY B 160 8.39 6.74 12.50
C GLY B 160 9.02 7.37 11.27
N PHE B 161 8.40 8.42 10.77
CA PHE B 161 8.89 9.11 9.59
C PHE B 161 9.83 10.26 9.87
N TYR B 162 10.03 10.58 11.15
CA TYR B 162 10.95 11.65 11.47
C TYR B 162 12.11 11.05 12.23
N PRO B 163 13.34 11.35 11.81
CA PRO B 163 14.54 10.83 12.45
C PRO B 163 14.76 11.36 13.86
N TRP B 164 14.24 12.54 14.17
CA TRP B 164 14.46 13.08 15.50
C TRP B 164 13.33 12.81 16.49
N LYS B 165 12.55 11.76 16.25
CA LYS B 165 11.43 11.40 17.13
C LYS B 165 11.45 9.91 17.45
N PRO B 166 11.68 9.54 18.72
CA PRO B 166 11.71 8.12 19.08
C PRO B 166 10.49 7.39 18.54
N THR B 167 10.65 6.10 18.23
CA THR B 167 9.53 5.33 17.70
C THR B 167 9.38 3.99 18.45
N ILE B 168 8.50 3.14 17.96
CA ILE B 168 8.24 1.86 18.59
C ILE B 168 7.82 0.82 17.58
N PRO B 169 8.08 -0.46 17.88
CA PRO B 169 7.72 -1.58 17.00
C PRO B 169 6.27 -1.95 17.31
N THR B 170 5.62 -2.80 16.50
CA THR B 170 4.25 -3.17 16.81
C THR B 170 4.11 -4.58 17.29
N PRO B 171 3.18 -4.81 18.21
CA PRO B 171 2.95 -6.15 18.76
C PRO B 171 2.63 -7.08 17.60
N TRP B 172 3.45 -8.10 17.43
CA TRP B 172 3.23 -9.02 16.34
C TRP B 172 2.09 -10.00 16.57
N ARG B 173 1.34 -10.27 15.51
CA ARG B 173 0.22 -11.18 15.56
C ARG B 173 -0.06 -11.63 14.13
N TYR B 174 -0.61 -12.82 13.96
CA TYR B 174 -0.89 -13.31 12.61
C TYR B 174 -2.21 -14.06 12.52
N TYR B 175 -2.75 -14.18 11.32
CA TYR B 175 -4.03 -14.86 11.14
C TYR B 175 -4.01 -16.36 11.41
N PHE B 176 -5.04 -16.83 12.12
CA PHE B 176 -5.21 -18.24 12.47
C PHE B 176 -6.47 -18.64 11.72
N GLN B 177 -6.41 -19.75 11.00
CA GLN B 177 -7.56 -20.19 10.20
C GLN B 177 -8.88 -20.29 10.93
N TRP B 178 -9.96 -19.92 10.23
CA TRP B 178 -11.31 -19.98 10.80
C TRP B 178 -12.33 -19.95 9.67
N ASP B 179 -13.42 -20.68 9.82
CA ASP B 179 -14.49 -20.68 8.82
C ASP B 179 -15.56 -19.73 9.30
N ARG B 180 -16.27 -19.09 8.39
CA ARG B 180 -17.29 -18.16 8.79
C ARG B 180 -18.22 -17.84 7.64
N THR B 181 -19.51 -17.79 7.91
CA THR B 181 -20.50 -17.48 6.90
C THR B 181 -21.24 -16.20 7.24
N LEU B 182 -21.62 -15.46 6.22
CA LEU B 182 -22.35 -14.21 6.40
C LEU B 182 -23.07 -13.94 5.10
N ILE B 183 -24.39 -14.03 5.13
CA ILE B 183 -25.20 -13.78 3.96
C ILE B 183 -25.57 -12.31 3.85
N PRO B 184 -25.30 -11.70 2.70
CA PRO B 184 -25.60 -10.30 2.48
C PRO B 184 -27.10 -10.03 2.57
N SER B 185 -27.43 -8.79 2.89
CA SER B 185 -28.81 -8.37 3.03
C SER B 185 -28.88 -6.86 2.89
N HIS B 186 -30.08 -6.31 2.95
CA HIS B 186 -30.25 -4.88 2.85
C HIS B 186 -31.28 -4.46 3.88
N THR B 187 -31.36 -3.16 4.13
CA THR B 187 -32.28 -2.59 5.10
C THR B 187 -33.61 -3.30 5.25
N GLY B 188 -34.28 -3.54 4.12
CA GLY B 188 -35.57 -4.19 4.17
C GLY B 188 -35.62 -5.70 4.07
N THR B 189 -34.50 -6.37 4.26
CA THR B 189 -34.52 -7.83 4.16
C THR B 189 -35.26 -8.41 5.35
N SER B 190 -36.22 -9.28 5.05
CA SER B 190 -37.04 -9.91 6.07
C SER B 190 -36.38 -11.14 6.68
N GLY B 191 -36.60 -11.34 7.97
CA GLY B 191 -36.03 -12.48 8.66
C GLY B 191 -34.62 -12.21 9.13
N THR B 192 -33.96 -13.26 9.62
CA THR B 192 -32.59 -13.14 10.10
C THR B 192 -31.67 -13.92 9.17
N PRO B 193 -30.82 -13.22 8.41
CA PRO B 193 -29.88 -13.84 7.48
C PRO B 193 -28.73 -14.53 8.21
N THR B 194 -28.36 -15.74 7.78
CA THR B 194 -27.30 -16.50 8.43
C THR B 194 -26.02 -15.67 8.54
N ASN B 195 -25.50 -15.59 9.76
CA ASN B 195 -24.30 -14.81 10.06
C ASN B 195 -23.61 -15.51 11.22
N ILE B 196 -22.80 -16.52 10.93
CA ILE B 196 -22.13 -17.26 11.99
C ILE B 196 -20.66 -17.62 11.80
N TYR B 197 -19.96 -17.79 12.92
CA TYR B 197 -18.55 -18.15 12.98
C TYR B 197 -18.52 -19.65 13.24
N HIS B 198 -18.22 -20.41 12.20
CA HIS B 198 -18.19 -21.87 12.29
C HIS B 198 -17.12 -22.50 13.16
N GLY B 199 -15.92 -21.95 13.15
CA GLY B 199 -14.86 -22.53 13.95
C GLY B 199 -13.57 -22.68 13.16
N THR B 200 -12.84 -23.76 13.39
CA THR B 200 -11.57 -23.98 12.71
C THR B 200 -11.43 -25.33 12.01
N ASP B 201 -10.86 -25.34 10.81
CA ASP B 201 -10.66 -26.60 10.09
C ASP B 201 -9.31 -27.10 10.56
N PRO B 202 -9.30 -28.18 11.34
CA PRO B 202 -8.01 -28.69 11.81
C PRO B 202 -6.99 -28.86 10.68
N ASP B 203 -7.49 -29.22 9.50
CA ASP B 203 -6.61 -29.42 8.36
C ASP B 203 -5.86 -28.17 7.93
N ASP B 204 -6.27 -27.00 8.43
CA ASP B 204 -5.62 -25.75 8.07
C ASP B 204 -4.98 -25.08 9.28
N VAL B 205 -4.89 -25.81 10.39
CA VAL B 205 -4.31 -25.22 11.61
C VAL B 205 -2.81 -25.07 11.54
N GLN B 206 -2.33 -23.85 11.72
CA GLN B 206 -0.89 -23.56 11.70
C GLN B 206 -0.52 -22.63 12.84
N PHE B 207 -0.05 -23.21 13.95
CA PHE B 207 0.36 -22.43 15.12
C PHE B 207 1.87 -22.31 15.12
N TYR B 208 2.38 -21.14 14.76
CA TYR B 208 3.81 -20.86 14.70
C TYR B 208 4.30 -20.17 15.96
N THR B 209 5.54 -20.41 16.36
CA THR B 209 6.11 -19.70 17.51
C THR B 209 7.52 -19.28 17.12
N ILE B 210 7.89 -18.07 17.50
CA ILE B 210 9.23 -17.58 17.19
C ILE B 210 10.25 -18.56 17.77
N GLU B 211 10.06 -18.92 19.03
CA GLU B 211 10.97 -19.82 19.73
C GLU B 211 11.29 -21.12 19.00
N ASN B 212 10.28 -21.76 18.43
CA ASN B 212 10.51 -23.03 17.73
C ASN B 212 10.97 -22.91 16.28
N SER B 213 11.05 -21.71 15.73
CA SER B 213 11.43 -21.61 14.33
C SER B 213 12.59 -20.71 13.98
N VAL B 214 12.96 -19.83 14.91
CA VAL B 214 14.04 -18.91 14.66
C VAL B 214 15.03 -18.88 15.81
N PRO B 215 16.32 -18.78 15.50
CA PRO B 215 17.28 -18.74 16.60
C PRO B 215 17.11 -17.35 17.21
N VAL B 216 17.02 -17.29 18.53
CA VAL B 216 16.85 -16.01 19.19
C VAL B 216 18.14 -15.54 19.83
N HIS B 217 18.54 -14.31 19.54
CA HIS B 217 19.75 -13.77 20.12
C HIS B 217 19.40 -12.97 21.35
N LEU B 218 20.19 -13.13 22.41
CA LEU B 218 19.94 -12.36 23.62
C LEU B 218 20.94 -11.21 23.61
N LEU B 219 20.45 -9.98 23.60
CA LEU B 219 21.36 -8.84 23.60
C LEU B 219 21.33 -8.12 24.94
N ARG B 220 22.50 -7.94 25.53
CA ARG B 220 22.57 -7.21 26.77
C ARG B 220 23.04 -5.83 26.34
N THR B 221 23.26 -4.93 27.29
CA THR B 221 23.68 -3.59 26.95
C THR B 221 24.79 -3.40 25.93
N GLY B 222 25.93 -4.03 26.14
CA GLY B 222 27.02 -3.86 25.21
C GLY B 222 26.95 -4.69 23.94
N ASP B 223 25.76 -5.19 23.62
CA ASP B 223 25.60 -6.00 22.42
C ASP B 223 24.91 -5.27 21.29
N GLU B 224 25.19 -5.75 20.08
CA GLU B 224 24.60 -5.19 18.87
C GLU B 224 24.21 -6.38 18.03
N PHE B 225 23.35 -6.15 17.04
CA PHE B 225 22.90 -7.22 16.16
C PHE B 225 22.70 -6.64 14.78
N ALA B 226 23.31 -7.25 13.78
CA ALA B 226 23.17 -6.76 12.43
C ALA B 226 22.79 -7.89 11.50
N THR B 227 21.94 -7.60 10.54
CA THR B 227 21.54 -8.60 9.56
C THR B 227 22.55 -8.34 8.47
N GLY B 228 22.72 -9.28 7.56
CA GLY B 228 23.68 -9.02 6.51
C GLY B 228 23.03 -8.08 5.52
N THR B 229 23.53 -8.04 4.29
CA THR B 229 22.91 -7.21 3.27
C THR B 229 22.00 -8.17 2.53
N PHE B 230 20.82 -7.71 2.18
CA PHE B 230 19.89 -8.56 1.46
C PHE B 230 19.63 -7.94 0.11
N PHE B 231 19.80 -8.70 -0.96
CA PHE B 231 19.56 -8.15 -2.28
C PHE B 231 18.21 -8.56 -2.84
N PHE B 232 17.44 -7.56 -3.25
CA PHE B 232 16.12 -7.79 -3.81
C PHE B 232 16.23 -8.25 -5.25
N ASP B 233 15.18 -8.91 -5.73
CA ASP B 233 15.13 -9.34 -7.11
C ASP B 233 13.69 -9.08 -7.56
N CYS B 234 13.47 -7.90 -8.14
CA CYS B 234 12.14 -7.55 -8.62
C CYS B 234 12.15 -6.47 -9.70
N LYS B 235 11.11 -6.50 -10.54
CA LYS B 235 10.95 -5.57 -11.64
C LYS B 235 11.16 -4.13 -11.24
N PRO B 236 11.65 -3.29 -12.16
CA PRO B 236 11.87 -1.88 -11.85
C PRO B 236 10.53 -1.15 -11.82
N CYS B 237 10.50 -0.02 -11.13
CA CYS B 237 9.29 0.77 -11.00
C CYS B 237 9.45 2.04 -11.81
N ARG B 238 8.46 2.39 -12.61
CA ARG B 238 8.59 3.58 -13.44
C ARG B 238 8.10 4.83 -12.76
N LEU B 239 8.75 5.95 -13.06
CA LEU B 239 8.38 7.22 -12.47
C LEU B 239 7.77 8.16 -13.50
N THR B 240 7.13 7.56 -14.51
CA THR B 240 6.45 8.32 -15.54
C THR B 240 5.07 7.71 -15.66
N HIS B 241 4.09 8.51 -16.07
CA HIS B 241 2.74 8.00 -16.22
C HIS B 241 2.37 8.03 -17.68
N THR B 242 1.49 7.12 -18.08
CA THR B 242 1.03 7.09 -19.46
C THR B 242 -0.26 7.91 -19.44
N TRP B 243 -0.64 8.48 -20.58
CA TRP B 243 -1.86 9.27 -20.62
C TRP B 243 -2.78 8.80 -21.73
N GLN B 244 -2.20 8.19 -22.75
CA GLN B 244 -2.98 7.70 -23.88
C GLN B 244 -3.97 6.63 -23.45
N THR B 245 -5.17 6.71 -24.01
CA THR B 245 -6.22 5.73 -23.78
C THR B 245 -6.49 5.17 -25.17
N ASN B 246 -7.28 4.10 -25.26
CA ASN B 246 -7.54 3.55 -26.58
C ASN B 246 -7.83 4.60 -27.64
N ARG B 247 -8.46 5.69 -27.23
CA ARG B 247 -8.81 6.75 -28.17
C ARG B 247 -7.66 7.56 -28.73
N ALA B 248 -6.48 7.39 -28.16
CA ALA B 248 -5.32 8.15 -28.60
C ALA B 248 -4.18 7.23 -29.00
N LEU B 249 -4.50 6.11 -29.62
CA LEU B 249 -3.47 5.17 -30.03
C LEU B 249 -3.34 5.10 -31.54
N GLY B 250 -2.17 5.46 -32.05
CA GLY B 250 -1.96 5.36 -33.48
C GLY B 250 -2.11 6.60 -34.32
N LEU B 251 -2.26 6.38 -35.63
CA LEU B 251 -2.40 7.48 -36.57
C LEU B 251 -3.78 8.11 -36.51
N PRO B 252 -3.86 9.40 -36.15
CA PRO B 252 -5.15 10.07 -36.07
C PRO B 252 -5.72 10.20 -37.49
N PRO B 253 -7.02 10.45 -37.61
CA PRO B 253 -7.64 10.59 -38.93
C PRO B 253 -7.09 11.83 -39.60
N PHE B 254 -6.89 11.78 -40.91
CA PHE B 254 -6.35 12.94 -41.63
C PHE B 254 -7.39 14.04 -41.76
N LEU B 255 -7.10 15.21 -41.22
CA LEU B 255 -8.02 16.34 -41.31
C LEU B 255 -7.93 16.98 -42.69
N ASN B 256 -9.00 16.86 -43.47
CA ASN B 256 -9.07 17.42 -44.81
C ASN B 256 -9.38 18.90 -44.83
N SER B 257 -9.74 19.43 -43.66
CA SER B 257 -10.07 20.85 -43.56
C SER B 257 -9.56 21.39 -42.22
N LEU B 258 -8.56 22.27 -42.28
CA LEU B 258 -7.99 22.84 -41.06
C LEU B 258 -8.57 24.22 -40.78
N PRO B 259 -8.56 24.64 -39.51
CA PRO B 259 -9.09 25.94 -39.10
C PRO B 259 -8.22 27.05 -39.66
N GLN B 260 -8.80 28.23 -39.86
CA GLN B 260 -8.03 29.35 -40.40
C GLN B 260 -7.90 30.59 -39.52
N SER B 261 -8.39 30.51 -38.29
CA SER B 261 -8.28 31.63 -37.37
C SER B 261 -8.36 31.13 -35.93
N GLU B 262 -7.50 31.67 -35.06
CA GLU B 262 -7.47 31.25 -33.66
C GLU B 262 -8.83 31.26 -33.00
N GLY B 263 -8.95 30.46 -31.94
CA GLY B 263 -10.21 30.37 -31.23
C GLY B 263 -10.40 28.99 -30.65
N ALA B 264 -11.25 28.88 -29.63
CA ALA B 264 -11.50 27.60 -29.00
C ALA B 264 -12.70 26.90 -29.64
N THR B 265 -13.34 27.58 -30.59
CA THR B 265 -14.50 27.02 -31.30
C THR B 265 -14.20 26.82 -32.78
N ASN B 266 -12.95 27.08 -33.16
CA ASN B 266 -12.53 26.91 -34.55
C ASN B 266 -11.84 25.57 -34.68
N PHE B 267 -12.63 24.54 -34.91
CA PHE B 267 -12.11 23.20 -35.03
C PHE B 267 -11.74 22.85 -36.46
N GLY B 268 -11.08 21.71 -36.61
CA GLY B 268 -10.70 21.23 -37.92
C GLY B 268 -11.69 20.11 -38.16
N ASP B 269 -11.90 19.73 -39.41
CA ASP B 269 -12.85 18.66 -39.68
C ASP B 269 -12.22 17.59 -40.56
N ILE B 270 -12.54 16.33 -40.26
CA ILE B 270 -12.01 15.22 -41.03
C ILE B 270 -12.40 15.38 -42.49
N GLY B 271 -13.67 15.70 -42.74
CA GLY B 271 -14.11 15.93 -44.10
C GLY B 271 -14.42 14.75 -45.00
N VAL B 272 -14.91 13.66 -44.43
CA VAL B 272 -15.28 12.48 -45.21
C VAL B 272 -16.45 11.81 -44.50
N GLN B 273 -17.54 11.55 -45.23
CA GLN B 273 -18.70 10.91 -44.62
C GLN B 273 -18.27 9.72 -43.77
N GLN B 274 -18.70 9.70 -42.53
CA GLN B 274 -18.34 8.63 -41.63
C GLN B 274 -18.44 7.23 -42.22
N ASP B 275 -19.31 7.04 -43.21
CA ASP B 275 -19.45 5.72 -43.79
C ASP B 275 -18.77 5.58 -45.15
N LYS B 276 -17.91 6.53 -45.48
CA LYS B 276 -17.20 6.49 -46.75
C LYS B 276 -15.70 6.56 -46.47
N ARG B 277 -15.35 6.48 -45.21
CA ARG B 277 -13.95 6.55 -44.80
C ARG B 277 -13.24 5.24 -45.01
N ARG B 278 -11.92 5.31 -45.16
CA ARG B 278 -11.09 4.12 -45.35
C ARG B 278 -10.44 3.82 -44.00
N GLY B 279 -10.13 2.55 -43.74
CA GLY B 279 -9.51 2.20 -42.48
C GLY B 279 -9.90 0.80 -42.04
N VAL B 280 -9.64 0.47 -40.77
CA VAL B 280 -9.96 -0.86 -40.28
C VAL B 280 -10.72 -0.83 -38.98
N THR B 281 -11.71 -1.73 -38.85
CA THR B 281 -12.49 -1.82 -37.62
C THR B 281 -12.83 -3.27 -37.36
N GLN B 282 -13.21 -3.58 -36.12
CA GLN B 282 -13.58 -4.96 -35.78
C GLN B 282 -15.08 -5.18 -35.88
N MET B 283 -15.78 -4.22 -36.48
CA MET B 283 -17.21 -4.33 -36.64
C MET B 283 -17.57 -4.74 -38.06
N GLY B 284 -17.67 -6.04 -38.29
CA GLY B 284 -17.99 -6.54 -39.62
C GLY B 284 -19.34 -6.13 -40.17
N ASN B 285 -20.18 -5.55 -39.33
CA ASN B 285 -21.51 -5.08 -39.71
C ASN B 285 -21.52 -3.80 -40.51
N THR B 286 -21.07 -2.73 -39.85
CA THR B 286 -21.08 -1.40 -40.47
C THR B 286 -19.87 -0.95 -41.23
N ASN B 287 -20.08 0.17 -41.91
CA ASN B 287 -19.06 0.81 -42.72
C ASN B 287 -18.69 2.11 -42.02
N TYR B 288 -19.23 2.30 -40.82
CA TYR B 288 -18.93 3.49 -40.03
C TYR B 288 -17.54 3.35 -39.44
N ILE B 289 -16.68 4.32 -39.69
CA ILE B 289 -15.35 4.27 -39.12
C ILE B 289 -15.16 5.55 -38.33
N THR B 290 -15.50 5.51 -37.04
CA THR B 290 -15.36 6.69 -36.21
C THR B 290 -14.20 6.46 -35.25
N GLU B 291 -13.86 7.48 -34.47
CA GLU B 291 -12.79 7.34 -33.51
C GLU B 291 -13.13 6.32 -32.45
N ALA B 292 -14.40 6.10 -32.20
CA ALA B 292 -14.79 5.12 -31.20
C ALA B 292 -14.98 3.75 -31.84
N THR B 293 -14.87 3.73 -33.16
CA THR B 293 -15.05 2.51 -33.94
C THR B 293 -13.75 1.94 -34.53
N ILE B 294 -12.87 2.82 -35.00
CA ILE B 294 -11.61 2.43 -35.60
C ILE B 294 -10.92 1.41 -34.70
N MET B 295 -10.28 0.42 -35.30
CA MET B 295 -9.61 -0.62 -34.54
C MET B 295 -8.30 -0.18 -33.91
N ARG B 296 -8.12 -0.50 -32.63
CA ARG B 296 -6.88 -0.16 -31.92
C ARG B 296 -6.18 -1.49 -31.65
N PRO B 297 -4.84 -1.50 -31.63
CA PRO B 297 -4.08 -2.72 -31.38
C PRO B 297 -4.50 -3.60 -30.21
N ALA B 298 -4.80 -3.00 -29.06
CA ALA B 298 -5.22 -3.77 -27.90
C ALA B 298 -6.06 -2.88 -27.04
N GLU B 299 -6.21 -3.20 -25.76
CA GLU B 299 -7.01 -2.35 -24.90
C GLU B 299 -6.28 -1.91 -23.66
N VAL B 300 -6.10 -0.61 -23.51
CA VAL B 300 -5.44 -0.06 -22.35
C VAL B 300 -6.43 -0.04 -21.21
N GLY B 301 -6.10 -0.70 -20.10
CA GLY B 301 -7.00 -0.73 -18.96
C GLY B 301 -8.11 -1.77 -19.12
N TYR B 302 -8.92 -1.91 -18.08
CA TYR B 302 -10.03 -2.86 -18.14
C TYR B 302 -11.12 -2.48 -17.16
N SER B 303 -12.34 -2.96 -17.41
CA SER B 303 -13.48 -2.68 -16.54
C SER B 303 -13.69 -3.85 -15.60
N ALA B 304 -13.87 -3.55 -14.32
CA ALA B 304 -14.08 -4.58 -13.32
C ALA B 304 -15.26 -4.21 -12.45
N PRO B 305 -15.89 -5.19 -11.79
CA PRO B 305 -17.05 -4.96 -10.92
C PRO B 305 -16.77 -3.95 -9.81
N TYR B 306 -17.59 -2.91 -9.68
CA TYR B 306 -17.32 -1.98 -8.60
C TYR B 306 -18.20 -2.03 -7.38
N TYR B 307 -17.45 -2.14 -6.27
CA TYR B 307 -17.86 -2.30 -4.89
C TYR B 307 -18.54 -3.64 -4.83
N SER B 308 -17.73 -4.59 -5.26
CA SER B 308 -18.07 -5.99 -5.32
C SER B 308 -17.37 -6.66 -4.18
N PHE B 309 -18.12 -7.44 -3.43
CA PHE B 309 -17.55 -8.18 -2.33
C PHE B 309 -17.75 -9.64 -2.70
N GLU B 310 -16.69 -10.42 -2.59
CA GLU B 310 -16.77 -11.83 -2.88
C GLU B 310 -16.56 -12.49 -1.56
N ALA B 311 -16.88 -13.76 -1.48
CA ALA B 311 -16.71 -14.46 -0.25
C ALA B 311 -16.26 -15.87 -0.48
N SER B 312 -15.31 -16.30 0.35
CA SER B 312 -14.83 -17.65 0.27
C SER B 312 -15.00 -18.22 1.66
N THR B 313 -14.16 -19.18 1.98
CA THR B 313 -14.20 -19.86 3.25
C THR B 313 -14.21 -19.02 4.55
N GLN B 314 -13.76 -17.77 4.50
CA GLN B 314 -13.69 -16.98 5.72
C GLN B 314 -14.44 -15.67 5.80
N GLY B 315 -15.38 -15.45 4.90
CA GLY B 315 -16.11 -14.20 4.96
C GLY B 315 -15.97 -13.40 3.69
N PRO B 316 -16.69 -12.29 3.59
CA PRO B 316 -16.62 -11.45 2.41
C PRO B 316 -15.41 -10.54 2.41
N PHE B 317 -15.04 -10.08 1.22
CA PHE B 317 -13.91 -9.17 1.06
C PHE B 317 -14.06 -8.43 -0.24
N LYS B 318 -13.56 -7.21 -0.28
CA LYS B 318 -13.64 -6.37 -1.47
C LYS B 318 -12.79 -6.90 -2.63
N THR B 319 -13.38 -6.96 -3.81
CA THR B 319 -12.67 -7.40 -5.01
C THR B 319 -11.76 -6.24 -5.38
N PRO B 320 -10.45 -6.46 -5.38
CA PRO B 320 -9.50 -5.40 -5.72
C PRO B 320 -9.39 -5.02 -7.19
N ILE B 321 -9.09 -3.75 -7.44
CA ILE B 321 -8.94 -3.22 -8.78
C ILE B 321 -7.49 -2.85 -8.98
N ALA B 322 -7.03 -2.92 -10.22
CA ALA B 322 -5.66 -2.59 -10.54
C ALA B 322 -5.43 -1.08 -10.61
N ALA B 323 -6.27 -0.39 -11.38
CA ALA B 323 -6.09 1.05 -11.53
C ALA B 323 -7.25 1.88 -11.02
N GLY B 324 -6.99 3.16 -10.72
CA GLY B 324 -8.00 4.08 -10.17
C GLY B 324 -8.80 4.71 -11.28
N ARG B 325 -8.96 5.77 -11.45
CA ARG B 325 -9.53 6.69 -12.36
C ARG B 325 -9.32 8.10 -11.92
N GLY B 326 -9.73 9.06 -12.67
CA GLY B 326 -9.47 10.40 -12.16
C GLY B 326 -9.52 11.36 -13.29
N GLY B 327 -8.89 12.46 -13.25
CA GLY B 327 -9.03 13.29 -14.45
C GLY B 327 -10.02 14.42 -14.25
N ALA B 328 -10.62 14.89 -15.34
CA ALA B 328 -11.49 16.05 -15.32
C ALA B 328 -12.87 15.64 -14.82
N GLN B 329 -12.98 14.37 -14.44
CA GLN B 329 -14.15 13.76 -13.84
C GLN B 329 -13.81 13.08 -12.52
N THR B 330 -13.15 13.87 -11.71
CA THR B 330 -12.39 13.57 -10.70
C THR B 330 -12.22 14.40 -9.56
N ASP B 331 -11.29 14.01 -8.76
CA ASP B 331 -10.20 14.90 -8.11
C ASP B 331 -10.48 14.92 -6.61
N GLU B 332 -10.41 13.69 -6.05
CA GLU B 332 -10.53 13.37 -4.64
C GLU B 332 -11.89 13.54 -3.98
N ASN B 333 -12.87 13.92 -4.80
CA ASN B 333 -14.27 14.09 -4.37
C ASN B 333 -15.10 12.90 -4.94
N GLN B 334 -14.95 12.64 -6.24
CA GLN B 334 -15.66 11.53 -6.87
C GLN B 334 -14.90 10.21 -6.59
N ALA B 335 -13.60 10.42 -6.38
CA ALA B 335 -12.54 9.41 -6.05
C ALA B 335 -13.23 8.09 -5.67
N ALA B 336 -13.45 7.26 -6.68
CA ALA B 336 -14.22 6.01 -6.53
C ALA B 336 -13.43 4.71 -6.30
N ASP B 337 -13.82 3.64 -6.99
CA ASP B 337 -13.12 2.39 -6.77
C ASP B 337 -11.80 2.33 -7.49
N GLY B 338 -10.77 1.88 -6.77
CA GLY B 338 -9.46 1.77 -7.37
C GLY B 338 -8.43 2.67 -6.74
N ASN B 339 -8.84 3.88 -6.37
CA ASN B 339 -7.94 4.83 -5.74
C ASN B 339 -7.72 4.46 -4.29
N PRO B 340 -6.47 4.19 -3.91
CA PRO B 340 -6.15 3.82 -2.53
C PRO B 340 -6.34 4.98 -1.56
N ARG B 341 -6.76 4.66 -0.34
CA ARG B 341 -6.99 5.66 0.68
C ARG B 341 -6.19 5.29 1.92
N TYR B 342 -5.29 6.18 2.31
CA TYR B 342 -4.45 5.95 3.48
C TYR B 342 -4.91 6.75 4.68
N ALA B 343 -4.97 6.07 5.82
CA ALA B 343 -5.37 6.67 7.08
C ALA B 343 -4.17 6.46 7.98
N PHE B 344 -3.76 7.49 8.71
CA PHE B 344 -2.58 7.34 9.55
C PHE B 344 -2.48 8.30 10.71
N GLY B 345 -1.56 7.99 11.62
CA GLY B 345 -1.36 8.80 12.82
C GLY B 345 -0.25 9.84 12.79
N ARG B 346 0.15 10.30 13.97
CA ARG B 346 1.17 11.33 14.09
C ARG B 346 2.59 10.86 13.77
N GLN B 347 2.84 9.57 14.00
CA GLN B 347 4.14 9.00 13.71
C GLN B 347 4.38 8.96 12.20
N HIS B 348 3.30 8.97 11.42
CA HIS B 348 3.49 8.89 9.99
C HIS B 348 2.97 10.02 9.15
N GLY B 349 3.03 11.25 9.65
CA GLY B 349 2.59 12.34 8.82
C GLY B 349 1.43 13.22 9.23
N GLN B 350 0.74 12.87 10.30
CA GLN B 350 -0.38 13.70 10.75
C GLN B 350 0.27 14.79 11.57
N LYS B 351 -0.31 15.99 11.57
CA LYS B 351 0.24 17.10 12.32
C LYS B 351 0.51 16.57 13.73
N THR B 352 1.76 16.60 14.14
CA THR B 352 2.12 16.06 15.44
C THR B 352 1.51 16.77 16.63
N THR B 353 1.17 18.04 16.48
CA THR B 353 0.59 18.79 17.59
C THR B 353 -0.92 18.67 17.64
N THR B 354 -1.48 17.85 16.76
CA THR B 354 -2.93 17.66 16.72
C THR B 354 -3.38 16.69 17.80
N THR B 355 -4.48 17.04 18.47
CA THR B 355 -5.04 16.20 19.53
C THR B 355 -6.19 15.38 18.97
N GLY B 356 -6.67 14.42 19.76
CA GLY B 356 -7.79 13.60 19.31
C GLY B 356 -7.36 12.30 18.67
N GLU B 357 -8.22 11.29 18.72
CA GLU B 357 -7.86 10.00 18.14
C GLU B 357 -8.41 9.75 16.75
N THR B 358 -8.60 10.83 15.99
CA THR B 358 -9.09 10.76 14.61
C THR B 358 -7.86 10.84 13.73
N PRO B 359 -7.68 9.88 12.82
CA PRO B 359 -6.53 9.84 11.91
C PRO B 359 -6.57 10.84 10.78
N GLU B 360 -5.44 10.99 10.10
CA GLU B 360 -5.33 11.88 8.96
C GLU B 360 -5.50 10.96 7.76
N ARG B 361 -6.11 11.45 6.69
CA ARG B 361 -6.32 10.60 5.54
C ARG B 361 -6.12 11.30 4.22
N PHE B 362 -6.09 10.51 3.16
CA PHE B 362 -5.97 11.03 1.82
C PHE B 362 -6.21 9.90 0.84
N THR B 363 -6.82 10.22 -0.29
CA THR B 363 -7.06 9.22 -1.30
C THR B 363 -6.08 9.54 -2.42
N TYR B 364 -5.19 8.60 -2.69
CA TYR B 364 -4.19 8.81 -3.71
C TYR B 364 -4.76 8.63 -5.11
N ILE B 365 -4.70 9.70 -5.90
CA ILE B 365 -5.20 9.65 -7.28
C ILE B 365 -4.04 9.74 -8.28
N ALA B 366 -3.64 8.58 -8.79
CA ALA B 366 -2.53 8.49 -9.73
C ALA B 366 -2.66 9.35 -10.99
N HIS B 367 -1.53 9.84 -11.48
CA HIS B 367 -1.50 10.66 -12.67
C HIS B 367 -1.73 9.85 -13.95
N GLN B 368 -1.60 8.53 -13.85
CA GLN B 368 -1.79 7.70 -15.02
C GLN B 368 -3.26 7.52 -15.39
N ASP B 369 -3.58 7.72 -16.65
CA ASP B 369 -4.95 7.57 -17.13
C ASP B 369 -5.14 6.16 -17.70
N THR B 370 -5.50 5.22 -16.84
CA THR B 370 -5.73 3.84 -17.27
C THR B 370 -6.99 3.29 -16.62
N GLY B 371 -7.78 4.20 -16.07
CA GLY B 371 -9.01 3.80 -15.41
C GLY B 371 -10.21 3.84 -16.34
N ARG B 372 -11.41 3.77 -15.76
CA ARG B 372 -12.63 3.81 -16.55
C ARG B 372 -13.66 4.76 -15.96
N TYR B 373 -14.51 5.31 -16.83
CA TYR B 373 -15.58 6.20 -16.43
C TYR B 373 -16.83 5.42 -16.84
N PRO B 374 -17.36 4.59 -15.93
CA PRO B 374 -18.54 3.76 -16.19
C PRO B 374 -19.70 4.54 -16.78
N GLU B 375 -19.92 5.75 -16.28
CA GLU B 375 -21.02 6.56 -16.77
C GLU B 375 -20.96 6.67 -18.29
N GLY B 376 -19.77 6.53 -18.85
CA GLY B 376 -19.62 6.64 -20.29
C GLY B 376 -19.67 5.33 -21.05
N ASP B 377 -19.79 4.22 -20.34
CA ASP B 377 -19.86 2.90 -20.97
C ASP B 377 -21.26 2.65 -21.49
N TRP B 378 -21.40 1.63 -22.32
CA TRP B 378 -22.71 1.27 -22.84
C TRP B 378 -22.56 0.05 -23.72
N ILE B 379 -23.67 -0.64 -23.93
CA ILE B 379 -23.65 -1.86 -24.74
C ILE B 379 -24.81 -1.83 -25.69
N GLN B 380 -24.57 -2.11 -26.97
CA GLN B 380 -25.69 -2.10 -27.88
C GLN B 380 -25.75 -3.36 -28.72
N ASN B 381 -26.96 -3.68 -29.15
CA ASN B 381 -27.24 -4.86 -29.95
C ASN B 381 -26.31 -4.95 -31.15
N ILE B 382 -25.89 -6.16 -31.46
CA ILE B 382 -24.97 -6.42 -32.55
C ILE B 382 -25.39 -5.87 -33.90
N ASN B 383 -26.68 -5.78 -34.15
CA ASN B 383 -27.17 -5.26 -35.42
C ASN B 383 -26.69 -3.84 -35.71
N PHE B 384 -26.26 -3.14 -34.67
CA PHE B 384 -25.73 -1.78 -34.78
C PHE B 384 -26.52 -0.85 -35.70
N ASN B 385 -27.84 -0.76 -35.47
CA ASN B 385 -28.69 0.14 -36.26
C ASN B 385 -28.84 1.40 -35.43
N LEU B 386 -28.20 2.48 -35.85
CA LEU B 386 -28.27 3.72 -35.08
C LEU B 386 -28.85 4.89 -35.86
N PRO B 387 -29.32 5.94 -35.15
CA PRO B 387 -29.31 6.09 -33.69
C PRO B 387 -29.97 4.90 -32.99
N VAL B 388 -29.32 4.42 -31.94
CA VAL B 388 -29.77 3.26 -31.21
C VAL B 388 -31.08 3.44 -30.44
N THR B 389 -31.93 2.42 -30.52
CA THR B 389 -33.23 2.36 -29.86
C THR B 389 -33.07 1.94 -28.40
N ASN B 390 -33.99 2.36 -27.54
CA ASN B 390 -33.91 2.01 -26.12
C ASN B 390 -33.80 0.50 -25.88
N ASP B 391 -34.57 -0.29 -26.63
CA ASP B 391 -34.53 -1.73 -26.42
C ASP B 391 -33.26 -2.36 -26.94
N ASN B 392 -32.53 -1.63 -27.76
CA ASN B 392 -31.30 -2.15 -28.35
C ASN B 392 -30.01 -1.66 -27.72
N VAL B 393 -30.10 -1.03 -26.56
CA VAL B 393 -28.92 -0.56 -25.88
C VAL B 393 -29.11 -0.81 -24.40
N LEU B 394 -28.01 -0.94 -23.69
CA LEU B 394 -28.06 -1.13 -22.25
C LEU B 394 -27.15 -0.04 -21.74
N LEU B 395 -27.73 0.96 -21.08
CA LEU B 395 -26.95 2.08 -20.56
C LEU B 395 -26.63 1.94 -19.09
N PRO B 396 -25.70 2.75 -18.60
CA PRO B 396 -25.29 2.73 -17.19
C PRO B 396 -26.42 3.30 -16.35
N THR B 397 -27.49 3.69 -17.03
CA THR B 397 -28.65 4.27 -16.38
C THR B 397 -29.79 3.26 -16.27
N ASP B 398 -29.74 2.21 -17.10
CA ASP B 398 -30.77 1.18 -17.05
C ASP B 398 -30.51 0.25 -15.87
N PRO B 399 -31.50 0.07 -15.01
CA PRO B 399 -31.42 -0.78 -13.81
C PRO B 399 -31.30 -2.27 -14.10
N ILE B 400 -30.46 -2.93 -13.31
CA ILE B 400 -30.21 -4.36 -13.40
C ILE B 400 -30.87 -5.03 -12.20
N GLY B 401 -31.61 -6.11 -12.45
CA GLY B 401 -32.26 -6.80 -11.35
C GLY B 401 -33.34 -5.98 -10.64
N GLY B 402 -33.90 -5.01 -11.36
CA GLY B 402 -34.94 -4.18 -10.79
C GLY B 402 -34.44 -3.19 -9.75
N LYS B 403 -33.12 -3.16 -9.55
CA LYS B 403 -32.54 -2.24 -8.57
C LYS B 403 -32.26 -0.90 -9.22
N THR B 404 -32.73 0.17 -8.59
CA THR B 404 -32.53 1.51 -9.10
C THR B 404 -31.08 1.99 -9.03
N GLY B 405 -30.31 1.45 -8.09
CA GLY B 405 -28.93 1.86 -7.91
C GLY B 405 -27.84 0.97 -8.49
N ILE B 406 -28.24 -0.12 -9.15
CA ILE B 406 -27.27 -1.02 -9.74
C ILE B 406 -27.46 -1.06 -11.24
N ASN B 407 -26.39 -0.82 -12.00
CA ASN B 407 -26.49 -0.88 -13.46
C ASN B 407 -25.55 -1.96 -13.93
N TYR B 408 -25.53 -2.27 -15.23
CA TYR B 408 -24.66 -3.34 -15.69
C TYR B 408 -23.18 -3.12 -15.42
N THR B 409 -22.69 -1.91 -15.61
CA THR B 409 -21.27 -1.66 -15.37
C THR B 409 -20.86 -2.13 -13.99
N ASN B 410 -21.81 -2.22 -13.07
CA ASN B 410 -21.50 -2.65 -11.71
C ASN B 410 -21.02 -4.08 -11.57
N ILE B 411 -21.42 -4.95 -12.51
CA ILE B 411 -21.05 -6.35 -12.46
C ILE B 411 -20.24 -6.72 -13.70
N PHE B 412 -19.95 -5.71 -14.50
CA PHE B 412 -19.21 -5.82 -15.76
C PHE B 412 -17.71 -6.14 -15.62
N ASN B 413 -17.16 -6.88 -16.58
CA ASN B 413 -15.73 -7.22 -16.55
C ASN B 413 -15.18 -7.32 -17.97
N THR B 414 -14.21 -6.48 -18.31
CA THR B 414 -13.64 -6.51 -19.65
C THR B 414 -12.18 -6.91 -19.69
N TYR B 415 -11.71 -7.60 -18.67
CA TYR B 415 -10.34 -8.05 -18.63
C TYR B 415 -10.26 -9.17 -19.67
N GLY B 416 -9.15 -9.21 -20.41
CA GLY B 416 -9.02 -10.22 -21.44
C GLY B 416 -7.64 -10.24 -22.05
N PRO B 417 -7.36 -11.18 -22.97
CA PRO B 417 -6.05 -11.30 -23.61
C PRO B 417 -5.51 -10.03 -24.26
N LEU B 418 -6.33 -9.00 -24.39
CA LEU B 418 -5.85 -7.75 -25.01
C LEU B 418 -5.62 -6.64 -24.00
N THR B 419 -5.81 -6.94 -22.72
CA THR B 419 -5.65 -5.94 -21.67
C THR B 419 -4.22 -5.58 -21.39
N ALA B 420 -3.97 -4.28 -21.26
CA ALA B 420 -2.65 -3.77 -20.97
C ALA B 420 -2.83 -2.77 -19.84
N LEU B 421 -1.98 -2.83 -18.82
CA LEU B 421 -2.10 -1.90 -17.71
C LEU B 421 -0.74 -1.73 -17.05
N ASN B 422 -0.65 -0.79 -16.11
CA ASN B 422 0.60 -0.54 -15.42
C ASN B 422 0.55 -0.95 -13.96
N ASN B 423 1.73 -1.16 -13.38
CA ASN B 423 1.86 -1.54 -11.98
C ASN B 423 1.54 -0.30 -11.15
N VAL B 424 1.10 -0.48 -9.91
CA VAL B 424 0.78 0.64 -9.05
C VAL B 424 1.97 1.55 -8.80
N PRO B 425 1.71 2.86 -8.66
CA PRO B 425 2.77 3.84 -8.41
C PRO B 425 3.13 3.96 -6.93
N PRO B 426 4.35 4.44 -6.63
CA PRO B 426 4.76 4.61 -5.23
C PRO B 426 3.97 5.70 -4.51
N VAL B 427 3.48 5.40 -3.31
CA VAL B 427 2.72 6.41 -2.56
C VAL B 427 3.53 6.95 -1.38
N TYR B 428 4.15 8.11 -1.58
CA TYR B 428 4.95 8.71 -0.51
C TYR B 428 4.09 9.51 0.46
N PRO B 429 4.29 9.34 1.78
CA PRO B 429 5.26 8.48 2.43
C PRO B 429 4.61 7.29 3.10
N ASN B 430 3.29 7.25 3.06
CA ASN B 430 2.57 6.18 3.72
C ASN B 430 2.52 4.83 3.03
N GLY B 431 2.91 4.80 1.76
CA GLY B 431 2.89 3.56 1.01
C GLY B 431 3.95 2.54 1.38
N GLN B 432 3.66 1.27 1.09
CA GLN B 432 4.56 0.16 1.37
C GLN B 432 5.56 0.15 0.21
N ILE B 433 6.79 -0.30 0.45
CA ILE B 433 7.80 -0.34 -0.62
C ILE B 433 7.84 -1.67 -1.35
N TRP B 434 8.18 -2.75 -0.64
CA TRP B 434 8.23 -4.05 -1.28
C TRP B 434 7.21 -4.96 -0.65
N ASP B 435 6.89 -6.06 -1.32
CA ASP B 435 5.92 -6.99 -0.79
C ASP B 435 6.29 -8.40 -1.20
N LYS B 436 5.88 -9.37 -0.39
CA LYS B 436 6.16 -10.75 -0.68
C LYS B 436 5.18 -11.28 -1.70
N GLU B 437 5.61 -12.22 -2.54
CA GLU B 437 4.71 -12.77 -3.53
C GLU B 437 3.95 -13.96 -2.96
N PHE B 438 2.74 -14.19 -3.46
CA PHE B 438 1.92 -15.31 -2.99
C PHE B 438 2.56 -16.64 -3.35
N ASP B 439 2.40 -17.62 -2.48
CA ASP B 439 2.97 -18.93 -2.74
C ASP B 439 1.94 -19.82 -3.39
N THR B 440 1.29 -19.29 -4.42
CA THR B 440 0.31 -20.03 -5.18
C THR B 440 1.01 -20.43 -6.47
N ASP B 441 0.49 -21.44 -7.14
CA ASP B 441 1.10 -21.88 -8.38
C ASP B 441 1.02 -20.83 -9.49
N LEU B 442 -0.12 -20.20 -9.64
CA LEU B 442 -0.29 -19.15 -10.64
C LEU B 442 -0.29 -17.85 -9.85
N LYS B 443 0.62 -16.95 -10.18
CA LYS B 443 0.72 -15.70 -9.43
C LYS B 443 0.10 -14.49 -10.08
N PRO B 444 -0.26 -13.50 -9.26
CA PRO B 444 -0.87 -12.28 -9.79
C PRO B 444 0.14 -11.46 -10.58
N ARG B 445 -0.34 -10.74 -11.59
CA ARG B 445 0.54 -9.93 -12.43
C ARG B 445 1.06 -8.70 -11.70
N LEU B 446 0.51 -8.41 -10.53
CA LEU B 446 0.97 -7.26 -9.75
C LEU B 446 0.27 -7.25 -8.40
N HIS B 447 0.72 -6.38 -7.51
CA HIS B 447 0.08 -6.25 -6.20
C HIS B 447 -0.39 -4.82 -6.17
N VAL B 448 -1.44 -4.52 -5.42
CA VAL B 448 -1.93 -3.17 -5.38
C VAL B 448 -1.41 -2.42 -4.18
N ASN B 449 -0.63 -3.09 -3.36
CA ASN B 449 -0.12 -2.46 -2.15
C ASN B 449 1.33 -2.01 -2.22
N ALA B 450 2.06 -2.44 -3.24
CA ALA B 450 3.47 -2.04 -3.38
C ALA B 450 3.98 -2.20 -4.82
N PRO B 451 4.94 -1.36 -5.20
CA PRO B 451 5.50 -1.42 -6.56
C PRO B 451 6.50 -2.54 -6.71
N PHE B 452 7.15 -2.91 -5.62
CA PHE B 452 8.16 -3.95 -5.67
C PHE B 452 7.71 -5.24 -5.03
N VAL B 453 7.74 -6.31 -5.80
CA VAL B 453 7.33 -7.61 -5.28
C VAL B 453 8.48 -8.59 -5.46
N CYS B 454 9.15 -8.95 -4.36
CA CYS B 454 10.27 -9.88 -4.44
C CYS B 454 9.81 -11.15 -5.15
N GLN B 455 10.49 -11.51 -6.25
CA GLN B 455 10.15 -12.72 -7.00
C GLN B 455 10.63 -13.95 -6.22
N ASN B 456 11.72 -13.77 -5.47
CA ASN B 456 12.31 -14.83 -4.66
C ASN B 456 11.78 -14.84 -3.24
N ASN B 457 12.69 -14.56 -2.32
CA ASN B 457 12.39 -14.49 -0.90
C ASN B 457 12.43 -13.00 -0.58
N CYS B 458 11.52 -12.51 0.26
CA CYS B 458 11.57 -11.10 0.63
C CYS B 458 12.41 -11.08 1.90
N PRO B 459 12.97 -9.92 2.25
CA PRO B 459 13.78 -9.89 3.47
C PRO B 459 12.95 -10.44 4.62
N GLY B 460 13.55 -11.33 5.41
CA GLY B 460 12.82 -11.90 6.53
C GLY B 460 12.48 -10.88 7.61
N GLN B 461 11.42 -11.15 8.36
CA GLN B 461 10.98 -10.24 9.41
C GLN B 461 11.84 -10.22 10.68
N LEU B 462 11.98 -9.04 11.26
CA LEU B 462 12.78 -8.85 12.47
C LEU B 462 11.92 -8.69 13.72
N PHE B 463 12.01 -9.63 14.64
CA PHE B 463 11.22 -9.57 15.86
C PHE B 463 12.04 -9.25 17.11
N VAL B 464 11.45 -8.50 18.03
CA VAL B 464 12.13 -8.16 19.27
C VAL B 464 11.21 -8.46 20.44
N LYS B 465 11.79 -8.62 21.62
CA LYS B 465 11.03 -8.93 22.82
C LYS B 465 11.91 -8.78 24.04
N VAL B 466 11.37 -8.25 25.13
CA VAL B 466 12.15 -8.09 26.34
C VAL B 466 12.15 -9.40 27.12
N ALA B 467 13.32 -9.95 27.37
CA ALA B 467 13.41 -11.21 28.11
C ALA B 467 12.80 -11.06 29.50
N PRO B 468 12.16 -12.13 30.00
CA PRO B 468 11.53 -12.14 31.33
C PRO B 468 12.50 -11.80 32.44
N ASN B 469 12.20 -10.74 33.19
CA ASN B 469 13.05 -10.34 34.30
C ASN B 469 12.34 -10.81 35.57
N LEU B 470 12.56 -12.07 35.93
CA LEU B 470 11.93 -12.67 37.10
C LEU B 470 12.31 -12.10 38.46
N THR B 471 11.39 -12.21 39.42
CA THR B 471 11.63 -11.75 40.79
C THR B 471 12.13 -12.99 41.50
N ASN B 472 12.23 -12.96 42.82
CA ASN B 472 12.73 -14.13 43.50
C ASN B 472 11.66 -15.20 43.71
N GLU B 473 10.40 -14.85 43.50
CA GLU B 473 9.31 -15.81 43.66
C GLU B 473 8.75 -16.22 42.32
N TYR B 474 9.14 -17.39 41.82
CA TYR B 474 8.64 -17.87 40.55
C TYR B 474 8.33 -19.33 40.72
N ASP B 475 7.11 -19.72 40.41
CA ASP B 475 6.74 -21.11 40.52
C ASP B 475 6.05 -21.50 39.24
N PRO B 476 6.80 -22.12 38.32
CA PRO B 476 6.24 -22.53 37.05
C PRO B 476 5.13 -23.53 37.24
N ASP B 477 5.13 -24.22 38.37
CA ASP B 477 4.10 -25.23 38.65
C ASP B 477 2.74 -24.62 38.95
N ALA B 478 2.70 -23.29 39.05
CA ALA B 478 1.46 -22.57 39.37
C ALA B 478 0.65 -22.10 38.17
N SER B 479 -0.64 -21.91 38.40
CA SER B 479 -1.61 -21.47 37.39
C SER B 479 -1.63 -19.97 37.20
N ALA B 480 -1.33 -19.25 38.28
CA ALA B 480 -1.32 -17.79 38.25
C ALA B 480 -0.26 -17.31 37.26
N ASN B 481 -0.45 -16.11 36.73
CA ASN B 481 0.51 -15.55 35.80
C ASN B 481 1.77 -15.11 36.54
N MET B 482 2.93 -15.45 35.99
CA MET B 482 4.20 -15.10 36.59
C MET B 482 4.35 -13.60 36.78
N SER B 483 4.92 -13.20 37.92
CA SER B 483 5.15 -11.79 38.18
C SER B 483 6.60 -11.48 37.81
N ARG B 484 6.75 -10.43 37.01
CA ARG B 484 8.05 -9.99 36.52
C ARG B 484 8.38 -8.60 37.00
N ILE B 485 9.65 -8.24 36.91
CA ILE B 485 10.10 -6.92 37.28
C ILE B 485 9.78 -6.04 36.09
N VAL B 486 9.10 -4.93 36.32
CA VAL B 486 8.76 -4.06 35.19
C VAL B 486 10.03 -3.62 34.48
N THR B 487 10.22 -4.16 33.29
CA THR B 487 11.41 -3.83 32.51
C THR B 487 11.03 -3.32 31.14
N TYR B 488 11.88 -2.47 30.59
CA TYR B 488 11.64 -1.97 29.25
C TYR B 488 12.98 -1.71 28.62
N SER B 489 12.98 -1.58 27.30
CA SER B 489 14.21 -1.35 26.60
C SER B 489 14.11 -0.27 25.55
N ASP B 490 15.24 0.37 25.31
CA ASP B 490 15.34 1.39 24.29
C ASP B 490 16.59 1.00 23.54
N PHE B 491 16.46 0.83 22.24
CA PHE B 491 17.61 0.47 21.42
C PHE B 491 17.60 1.30 20.15
N TRP B 492 18.75 1.42 19.51
CA TRP B 492 18.83 2.20 18.27
C TRP B 492 18.78 1.27 17.07
N TRP B 493 18.02 1.69 16.07
CA TRP B 493 17.86 0.92 14.85
C TRP B 493 18.42 1.72 13.71
N LYS B 494 19.14 1.05 12.82
CA LYS B 494 19.69 1.74 11.67
C LYS B 494 19.52 0.85 10.46
N GLY B 495 19.01 1.43 9.38
CA GLY B 495 18.81 0.67 8.16
C GLY B 495 19.45 1.35 6.98
N LYS B 496 19.62 0.61 5.90
CA LYS B 496 20.19 1.16 4.69
C LYS B 496 19.46 0.51 3.54
N LEU B 497 18.66 1.32 2.85
CA LEU B 497 17.89 0.85 1.70
C LEU B 497 18.54 1.45 0.47
N VAL B 498 18.91 0.62 -0.50
CA VAL B 498 19.58 1.10 -1.70
C VAL B 498 18.82 0.91 -3.00
N PHE B 499 18.64 1.99 -3.74
CA PHE B 499 17.96 1.92 -5.02
C PHE B 499 18.93 2.34 -6.11
N LYS B 500 18.55 2.09 -7.35
CA LYS B 500 19.33 2.49 -8.51
C LYS B 500 18.30 3.12 -9.41
N ALA B 501 18.57 4.32 -9.89
CA ALA B 501 17.61 4.99 -10.74
C ALA B 501 18.28 5.56 -11.97
N LYS B 502 17.48 5.90 -12.96
CA LYS B 502 18.00 6.46 -14.19
C LYS B 502 17.51 7.89 -14.37
N LEU B 503 18.43 8.81 -14.64
CA LEU B 503 18.08 10.22 -14.84
C LEU B 503 17.28 10.38 -16.14
N ARG B 504 16.34 11.31 -16.15
CA ARG B 504 15.51 11.54 -17.33
C ARG B 504 16.09 12.64 -18.21
N ALA B 505 15.67 12.66 -19.47
CA ALA B 505 16.11 13.68 -20.41
C ALA B 505 14.85 14.34 -20.99
N SER B 506 15.01 15.51 -21.61
CA SER B 506 13.87 16.21 -22.18
C SER B 506 13.65 15.93 -23.67
N HIS B 507 12.55 15.23 -23.97
CA HIS B 507 12.24 14.86 -25.35
C HIS B 507 11.17 15.70 -26.06
N THR B 508 10.32 16.36 -25.30
CA THR B 508 9.28 17.19 -25.89
C THR B 508 9.76 18.64 -25.95
N TRP B 509 9.00 19.48 -26.65
CA TRP B 509 9.38 20.88 -26.76
C TRP B 509 8.91 21.60 -25.52
N ASN B 510 7.80 21.13 -24.99
CA ASN B 510 7.22 21.71 -23.80
C ASN B 510 7.86 21.17 -22.56
N PRO B 511 7.78 21.91 -21.46
CA PRO B 511 8.37 21.48 -20.19
C PRO B 511 7.31 20.54 -19.63
N ILE B 512 7.62 19.84 -18.54
CA ILE B 512 6.67 18.89 -17.97
C ILE B 512 6.31 19.16 -16.50
N GLN B 513 5.55 18.24 -15.91
CA GLN B 513 5.15 18.39 -14.51
C GLN B 513 6.33 18.19 -13.57
N GLN B 514 6.40 18.99 -12.53
CA GLN B 514 7.48 18.89 -11.57
C GLN B 514 6.93 19.27 -10.19
N MET B 515 7.31 18.54 -9.16
CA MET B 515 6.86 18.85 -7.80
C MET B 515 7.63 20.08 -7.39
N SER B 516 6.94 21.04 -6.78
CA SER B 516 7.61 22.26 -6.35
C SER B 516 6.97 22.91 -5.14
N ILE B 517 7.77 23.61 -4.35
CA ILE B 517 7.24 24.27 -3.17
C ILE B 517 6.68 25.60 -3.66
N ASN B 518 5.59 26.05 -3.07
CA ASN B 518 5.01 27.31 -3.47
C ASN B 518 4.33 27.98 -2.30
N VAL B 519 3.65 29.09 -2.57
CA VAL B 519 2.98 29.85 -1.51
C VAL B 519 1.87 29.08 -0.80
N ASP B 520 1.29 28.09 -1.47
CA ASP B 520 0.20 27.32 -0.89
C ASP B 520 0.61 26.11 -0.05
N ASN B 521 1.69 25.44 -0.42
CA ASN B 521 2.14 24.26 0.32
C ASN B 521 3.34 24.49 1.21
N GLN B 522 4.01 25.62 1.00
CA GLN B 522 5.19 25.98 1.76
C GLN B 522 5.22 25.59 3.24
N PHE B 523 4.11 25.73 3.93
CA PHE B 523 4.09 25.40 5.36
C PHE B 523 3.97 23.93 5.71
N ASN B 524 3.96 23.08 4.71
CA ASN B 524 3.84 21.64 4.93
C ASN B 524 5.24 21.05 5.06
N TYR B 525 6.24 21.85 4.73
CA TYR B 525 7.60 21.35 4.76
C TYR B 525 8.47 22.04 5.78
N VAL B 526 7.86 22.60 6.81
CA VAL B 526 8.62 23.29 7.82
C VAL B 526 7.92 23.12 9.16
N PRO B 527 8.67 23.02 10.26
CA PRO B 527 8.08 22.86 11.59
C PRO B 527 7.32 24.11 12.05
N SER B 528 6.39 23.95 13.00
CA SER B 528 5.61 25.06 13.55
C SER B 528 6.37 25.73 14.69
N ASN B 529 5.82 26.78 15.26
CA ASN B 529 6.50 27.46 16.36
C ASN B 529 6.41 26.63 17.64
N ILE B 530 5.64 25.56 17.58
CA ILE B 530 5.49 24.68 18.72
C ILE B 530 6.38 23.47 18.49
N GLY B 531 6.84 23.32 17.26
CA GLY B 531 7.68 22.21 16.93
C GLY B 531 6.81 21.13 16.32
N GLY B 532 5.70 21.54 15.74
CA GLY B 532 4.82 20.58 15.12
C GLY B 532 5.36 20.26 13.75
N MET B 533 5.05 19.08 13.26
CA MET B 533 5.50 18.65 11.95
C MET B 533 4.41 17.83 11.33
N LYS B 534 4.57 17.54 10.04
CA LYS B 534 3.66 16.69 9.32
C LYS B 534 4.30 16.35 7.99
N ILE B 535 3.85 15.27 7.38
CA ILE B 535 4.42 14.88 6.12
C ILE B 535 3.26 14.63 5.18
N VAL B 536 3.11 15.52 4.21
CA VAL B 536 2.00 15.44 3.27
C VAL B 536 2.34 14.49 2.12
N TYR B 537 1.35 13.70 1.69
CA TYR B 537 1.57 12.74 0.61
C TYR B 537 1.95 13.45 -0.68
N GLU B 538 2.73 12.78 -1.52
CA GLU B 538 3.17 13.34 -2.80
C GLU B 538 2.99 12.31 -3.90
N LYS B 539 2.71 12.77 -5.11
CA LYS B 539 2.53 11.86 -6.23
C LYS B 539 3.93 11.49 -6.77
N SER B 540 4.07 10.31 -7.36
CA SER B 540 5.37 9.89 -7.85
C SER B 540 5.65 9.87 -9.35
N GLN B 541 4.66 9.55 -10.19
CA GLN B 541 4.94 9.53 -11.62
C GLN B 541 4.53 10.82 -12.34
N LEU B 542 5.23 11.90 -12.03
CA LEU B 542 4.91 13.19 -12.60
C LEU B 542 5.05 13.33 -14.10
N ALA B 543 6.20 12.95 -14.63
CA ALA B 543 6.42 13.08 -16.07
C ALA B 543 5.60 12.08 -16.88
N PRO B 544 5.23 12.47 -18.10
CA PRO B 544 4.45 11.60 -18.97
C PRO B 544 5.38 10.81 -19.89
N ARG B 545 4.87 9.70 -20.42
CA ARG B 545 5.65 8.90 -21.36
C ARG B 545 4.70 8.35 -22.41
N LYS B 546 5.21 8.08 -23.60
CA LYS B 546 4.36 7.52 -24.65
C LYS B 546 4.01 6.10 -24.23
N LEU B 547 2.84 5.64 -24.64
CA LEU B 547 2.44 4.28 -24.33
C LEU B 547 2.53 3.51 -25.63
N TYR B 548 2.39 4.21 -26.74
CA TYR B 548 2.44 3.57 -28.05
C TYR B 548 2.80 4.54 -29.17
#